data_5ENM
#
_entry.id   5ENM
#
_cell.length_a   102.234
_cell.length_b   102.234
_cell.length_c   170.579
_cell.angle_alpha   90.00
_cell.angle_beta   90.00
_cell.angle_gamma   120.00
#
_symmetry.space_group_name_H-M   'P 61 2 2'
#
loop_
_entity.id
_entity.type
_entity.pdbx_description
1 polymer 'Beta-secretase 1'
2 non-polymer GLYCEROL
3 non-polymer 'IODIDE ION'
4 non-polymer (2~{R},4~{S},6~{S})-4-[2,4-bis(fluoranyl)-5-pyrimidin-5-yl-phenyl]-6-(3,5-dimethyl-1,2-oxazol-4-yl)-1,3-thiazinan-2-amine
5 water water
#
_entity_poly.entity_id   1
_entity_poly.type   'polypeptide(L)'
_entity_poly.pdbx_seq_one_letter_code
;MASMTGGQQMGRGSAGVLPAHGTQHGIRLPLRSGLGGAPLGLRLPRETDEEPEEPGRRGSFVEMVDNLRGKSGQGYYVEM
TVGSPPQTLNILVDTGSSNFAVGAAPHPFLHRYYQRQLSSTYRDLRKGVYVPYTQGKWEGELGTDLVSIPHGPNVTVRAN
IAAITESDKFFINGSNWEGILGLAYAEIARPDDSLEPFFDSLVKQTHVPNLFSLQLCGAGFPLNQSEVLASVGGSMIIGG
IDHSLYTGSLWYTPIRREWYYEVIIVRVEINGQDLKMDCKEYNYDKSIVDSGTTNLRLPKKVFEAAVKSIKAASSTEKFP
DGFWLGEQLVCWQAGTTPWNIFPVISLYLMGEVTNQSFRITILPQQYLRPVEDVATSQDDCYKFAISQSSTGTVMGAVIM
EGFYVVFDRARKRIGFAVSACHVHDEFRTAAVEGPFVTLDMEDCGYNIPQTDEST
;
_entity_poly.pdbx_strand_id   A
#
loop_
_chem_comp.id
_chem_comp.type
_chem_comp.name
_chem_comp.formula
5QU non-polymer (2~{R},4~{S},6~{S})-4-[2,4-bis(fluoranyl)-5-pyrimidin-5-yl-phenyl]-6-(3,5-dimethyl-1,2-oxazol-4-yl)-1,3-thiazinan-2-amine 'C19 H19 F2 N5 O S'
GOL non-polymer GLYCEROL 'C3 H8 O3'
IOD non-polymer 'IODIDE ION' 'I -1'
#
# COMPACT_ATOMS: atom_id res chain seq x y z
N PHE A 61 14.26 -0.40 -17.17
CA PHE A 61 13.74 -0.09 -15.82
C PHE A 61 14.82 -0.21 -14.74
N VAL A 62 16.06 -0.39 -15.18
CA VAL A 62 17.22 -0.55 -14.30
C VAL A 62 17.43 0.66 -13.38
N GLU A 63 17.22 1.85 -13.94
CA GLU A 63 17.37 3.10 -13.20
C GLU A 63 16.27 3.31 -12.14
N MET A 64 15.16 2.60 -12.30
CA MET A 64 14.04 2.68 -11.35
C MET A 64 14.20 1.73 -10.16
N VAL A 65 15.15 0.81 -10.25
CA VAL A 65 15.45 -0.12 -9.16
C VAL A 65 16.08 0.62 -7.98
N ASP A 66 15.59 0.31 -6.78
CA ASP A 66 16.08 0.90 -5.52
C ASP A 66 15.78 2.41 -5.39
N ASN A 67 14.68 2.85 -6.02
CA ASN A 67 14.29 4.26 -5.98
C ASN A 67 13.41 4.65 -4.79
N LEU A 68 13.11 3.66 -3.93
CA LEU A 68 12.32 3.90 -2.73
C LEU A 68 13.17 3.86 -1.46
N ARG A 69 12.89 4.77 -0.55
CA ARG A 69 13.56 4.83 0.75
C ARG A 69 12.54 5.08 1.85
N GLY A 70 12.98 4.96 3.10
CA GLY A 70 12.11 5.23 4.25
C GLY A 70 12.65 4.72 5.57
N LYS A 71 11.85 4.97 6.62
CA LYS A 71 12.14 4.47 7.96
C LYS A 71 11.04 3.51 8.37
N SER A 72 11.41 2.51 9.16
CA SER A 72 10.49 1.46 9.62
C SER A 72 9.20 2.04 10.21
N GLY A 73 8.07 1.64 9.65
CA GLY A 73 6.76 2.08 10.11
C GLY A 73 6.36 3.49 9.70
N GLN A 74 7.22 4.17 8.93
CA GLN A 74 6.97 5.55 8.50
C GLN A 74 6.64 5.65 7.01
N GLY A 75 6.58 4.51 6.34
CA GLY A 75 6.21 4.45 4.92
C GLY A 75 7.38 4.53 3.97
N TYR A 76 7.08 4.34 2.68
CA TYR A 76 8.09 4.38 1.62
C TYR A 76 7.89 5.64 0.78
N TYR A 77 9.00 6.32 0.49
CA TYR A 77 8.95 7.53 -0.32
C TYR A 77 9.81 7.47 -1.58
N VAL A 78 9.40 8.24 -2.59
CA VAL A 78 10.13 8.36 -3.85
C VAL A 78 10.48 9.83 -4.09
N GLU A 79 11.62 10.07 -4.73
CA GLU A 79 12.03 11.42 -5.10
C GLU A 79 11.24 11.91 -6.30
N MET A 80 10.71 13.13 -6.20
CA MET A 80 9.98 13.77 -7.30
C MET A 80 10.42 15.22 -7.42
N THR A 81 10.25 15.79 -8.61
CA THR A 81 10.46 17.22 -8.81
C THR A 81 9.17 17.88 -9.23
N VAL A 82 8.92 19.09 -8.70
CA VAL A 82 7.73 19.86 -9.03
C VAL A 82 8.13 21.28 -9.42
N GLY A 83 7.51 21.78 -10.49
CA GLY A 83 7.68 23.17 -10.91
C GLY A 83 8.83 23.42 -11.85
N SER A 84 8.95 24.67 -12.30
CA SER A 84 10.02 25.12 -13.19
C SER A 84 10.63 26.41 -12.65
N PRO A 85 11.92 26.38 -12.22
CA PRO A 85 12.84 25.24 -12.22
C PRO A 85 12.41 24.13 -11.24
N PRO A 86 12.89 22.89 -11.45
CA PRO A 86 12.48 21.74 -10.64
C PRO A 86 12.83 21.86 -9.14
N GLN A 87 11.82 21.67 -8.30
CA GLN A 87 12.01 21.62 -6.85
C GLN A 87 11.92 20.17 -6.38
N THR A 88 13.02 19.67 -5.81
CA THR A 88 13.11 18.29 -5.37
C THR A 88 12.37 18.06 -4.06
N LEU A 89 11.53 17.02 -4.03
CA LEU A 89 10.79 16.64 -2.83
C LEU A 89 10.73 15.12 -2.69
N ASN A 90 10.71 14.65 -1.44
CA ASN A 90 10.48 13.24 -1.14
C ASN A 90 9.00 13.00 -0.84
N ILE A 91 8.41 12.05 -1.56
CA ILE A 91 6.96 11.88 -1.58
C ILE A 91 6.56 10.45 -1.22
N LEU A 92 5.69 10.33 -0.22
CA LEU A 92 5.16 9.03 0.23
C LEU A 92 4.36 8.34 -0.87
N VAL A 93 4.71 7.07 -1.13
CA VAL A 93 4.02 6.25 -2.12
C VAL A 93 2.82 5.57 -1.45
N ASP A 94 1.61 5.94 -1.91
CA ASP A 94 0.39 5.51 -1.25
C ASP A 94 -0.67 5.01 -2.23
N THR A 95 -0.82 3.69 -2.30
CA THR A 95 -1.84 3.06 -3.15
C THR A 95 -3.23 3.06 -2.50
N GLY A 96 -3.33 3.66 -1.32
CA GLY A 96 -4.60 3.74 -0.58
C GLY A 96 -5.30 5.08 -0.64
N SER A 97 -4.74 6.01 -1.41
CA SER A 97 -5.36 7.32 -1.63
C SER A 97 -5.14 7.78 -3.07
N SER A 98 -5.72 8.91 -3.45
CA SER A 98 -5.70 9.35 -4.85
C SER A 98 -5.28 10.80 -5.08
N ASN A 99 -4.89 11.50 -4.01
CA ASN A 99 -4.45 12.88 -4.12
C ASN A 99 -2.93 13.01 -4.15
N PHE A 100 -2.43 13.86 -5.04
CA PHE A 100 -1.05 14.32 -4.98
C PHE A 100 -1.04 15.61 -4.17
N ALA A 101 -0.52 15.53 -2.95
CA ALA A 101 -0.52 16.64 -2.01
C ALA A 101 0.85 16.80 -1.38
N VAL A 102 1.36 18.03 -1.39
CA VAL A 102 2.70 18.32 -0.90
C VAL A 102 2.72 19.49 0.09
N GLY A 103 3.60 19.39 1.09
CA GLY A 103 3.81 20.50 2.02
C GLY A 103 4.25 21.73 1.25
N ALA A 104 3.60 22.86 1.52
CA ALA A 104 3.88 24.11 0.82
C ALA A 104 4.10 25.27 1.79
N ALA A 105 4.22 24.93 3.07
CA ALA A 105 4.47 25.91 4.13
C ALA A 105 5.54 25.37 5.07
N PRO A 106 6.35 26.27 5.68
CA PRO A 106 7.44 25.87 6.57
C PRO A 106 6.97 25.25 7.89
N HIS A 107 6.37 24.07 7.80
CA HIS A 107 6.06 23.25 8.97
C HIS A 107 7.39 22.80 9.58
N PRO A 108 7.52 22.89 10.92
CA PRO A 108 8.77 22.54 11.62
C PRO A 108 9.32 21.14 11.33
N PHE A 109 8.44 20.19 11.02
CA PHE A 109 8.85 18.80 10.76
C PHE A 109 9.45 18.58 9.38
N LEU A 110 9.27 19.56 8.48
CA LEU A 110 9.63 19.40 7.08
C LEU A 110 11.06 19.83 6.76
N HIS A 111 11.77 18.98 6.02
CA HIS A 111 13.10 19.29 5.50
C HIS A 111 13.03 20.34 4.41
N ARG A 112 11.93 20.31 3.65
CA ARG A 112 11.71 21.21 2.53
C ARG A 112 10.23 21.22 2.16
N TYR A 113 9.83 22.19 1.34
CA TYR A 113 8.44 22.35 0.94
C TYR A 113 8.29 23.02 -0.42
N TYR A 114 7.13 22.82 -1.03
CA TYR A 114 6.79 23.37 -2.34
C TYR A 114 6.62 24.89 -2.26
N GLN A 115 7.42 25.61 -3.04
CA GLN A 115 7.36 27.07 -3.08
C GLN A 115 6.81 27.52 -4.42
N ARG A 116 5.49 27.72 -4.46
CA ARG A 116 4.77 28.04 -5.69
C ARG A 116 5.24 29.35 -6.33
N GLN A 117 5.74 30.27 -5.50
CA GLN A 117 6.24 31.56 -5.98
C GLN A 117 7.45 31.46 -6.91
N LEU A 118 8.20 30.36 -6.78
CA LEU A 118 9.41 30.13 -7.57
C LEU A 118 9.13 29.38 -8.88
N SER A 119 7.88 28.99 -9.09
CA SER A 119 7.51 28.19 -10.25
C SER A 119 6.78 29.01 -11.32
N SER A 120 7.40 29.09 -12.50
CA SER A 120 6.82 29.80 -13.64
C SER A 120 5.70 29.01 -14.32
N THR A 121 5.66 27.70 -14.07
CA THR A 121 4.67 26.83 -14.70
C THR A 121 3.50 26.48 -13.78
N TYR A 122 3.50 27.06 -12.58
CA TYR A 122 2.40 26.89 -11.64
C TYR A 122 1.12 27.60 -12.12
N ARG A 123 0.00 26.89 -12.01
CA ARG A 123 -1.32 27.45 -12.34
C ARG A 123 -2.28 27.22 -11.18
N ASP A 124 -2.96 28.28 -10.77
CA ASP A 124 -3.92 28.22 -9.67
C ASP A 124 -5.28 27.75 -10.17
N LEU A 125 -5.88 26.81 -9.45
CA LEU A 125 -7.23 26.32 -9.75
C LEU A 125 -8.30 27.06 -8.95
N ARG A 126 -7.86 27.92 -8.03
CA ARG A 126 -8.74 28.75 -7.20
C ARG A 126 -9.77 27.95 -6.42
N LYS A 127 -9.35 26.80 -5.89
CA LYS A 127 -10.20 25.91 -5.12
C LYS A 127 -9.46 25.35 -3.93
N GLY A 128 -10.16 25.18 -2.82
CA GLY A 128 -9.59 24.58 -1.61
C GLY A 128 -10.01 23.13 -1.46
N VAL A 129 -9.27 22.40 -0.62
CA VAL A 129 -9.57 21.00 -0.34
C VAL A 129 -9.29 20.66 1.13
N TYR A 130 -10.30 20.08 1.79
CA TYR A 130 -10.17 19.67 3.19
C TYR A 130 -10.28 18.15 3.28
N VAL A 131 -9.23 17.52 3.80
CA VAL A 131 -9.18 16.06 3.91
C VAL A 131 -8.97 15.62 5.36
N PRO A 132 -10.09 15.26 6.05
CA PRO A 132 -9.99 14.68 7.39
C PRO A 132 -9.84 13.15 7.36
N TYR A 133 -9.00 12.62 8.23
CA TYR A 133 -8.83 11.17 8.37
C TYR A 133 -9.41 10.69 9.69
N THR A 134 -9.37 9.38 9.91
CA THR A 134 -9.70 8.80 11.20
C THR A 134 -8.58 9.07 12.21
N GLN A 135 -7.37 9.28 11.70
CA GLN A 135 -6.19 9.55 12.52
C GLN A 135 -5.29 10.61 11.90
N GLY A 136 -5.88 11.76 11.57
CA GLY A 136 -5.14 12.85 10.94
C GLY A 136 -6.01 13.80 10.13
N LYS A 137 -5.38 14.78 9.50
CA LYS A 137 -6.08 15.80 8.70
C LYS A 137 -5.08 16.69 7.95
N TRP A 138 -5.38 16.97 6.68
CA TRP A 138 -4.66 18.01 5.94
C TRP A 138 -5.62 18.86 5.09
N GLU A 139 -5.24 20.13 4.93
CA GLU A 139 -6.00 21.08 4.14
C GLU A 139 -5.05 21.78 3.18
N GLY A 140 -5.53 22.03 1.96
CA GLY A 140 -4.68 22.62 0.94
C GLY A 140 -5.37 23.42 -0.15
N GLU A 141 -4.56 24.09 -0.95
CA GLU A 141 -5.04 24.87 -2.08
C GLU A 141 -4.69 24.12 -3.38
N LEU A 142 -5.69 23.96 -4.24
CA LEU A 142 -5.52 23.20 -5.47
C LEU A 142 -4.88 24.00 -6.58
N GLY A 143 -4.02 23.33 -7.34
CA GLY A 143 -3.34 23.93 -8.49
C GLY A 143 -2.76 22.87 -9.42
N THR A 144 -2.09 23.31 -10.47
CA THR A 144 -1.40 22.41 -11.39
C THR A 144 0.01 22.90 -11.65
N ASP A 145 0.93 21.96 -11.90
CA ASP A 145 2.31 22.27 -12.23
C ASP A 145 2.98 21.09 -12.94
N LEU A 146 4.18 21.31 -13.45
CA LEU A 146 4.95 20.25 -14.10
C LEU A 146 5.63 19.35 -13.07
N VAL A 147 5.42 18.05 -13.21
CA VAL A 147 5.92 17.06 -12.26
C VAL A 147 6.77 16.01 -12.97
N SER A 148 7.93 15.71 -12.39
CA SER A 148 8.84 14.69 -12.93
C SER A 148 9.31 13.76 -11.82
N ILE A 149 9.69 12.54 -12.21
CA ILE A 149 10.27 11.56 -11.29
C ILE A 149 11.68 11.21 -11.78
N PRO A 150 12.72 11.77 -11.12
CA PRO A 150 14.12 11.61 -11.49
C PRO A 150 14.54 10.16 -11.74
N HIS A 151 14.19 9.27 -10.80
CA HIS A 151 14.50 7.85 -10.96
C HIS A 151 13.25 7.07 -11.41
N GLY A 152 12.58 7.63 -12.40
CA GLY A 152 11.43 7.01 -13.06
C GLY A 152 11.54 7.19 -14.56
N PRO A 153 10.40 7.22 -15.28
CA PRO A 153 10.43 7.45 -16.72
C PRO A 153 10.89 8.88 -17.06
N ASN A 154 11.62 9.03 -18.17
CA ASN A 154 12.14 10.33 -18.58
C ASN A 154 11.06 11.19 -19.24
N VAL A 155 10.08 11.60 -18.44
CA VAL A 155 8.94 12.39 -18.90
C VAL A 155 8.55 13.47 -17.89
N THR A 156 7.85 14.49 -18.36
CA THR A 156 7.30 15.54 -17.50
C THR A 156 5.84 15.78 -17.84
N VAL A 157 4.99 15.69 -16.82
CA VAL A 157 3.54 15.86 -17.01
C VAL A 157 2.98 17.02 -16.18
N ARG A 158 1.88 17.59 -16.64
CA ARG A 158 1.13 18.57 -15.86
C ARG A 158 0.10 17.84 -15.01
N ALA A 159 0.30 17.91 -13.70
CA ALA A 159 -0.54 17.18 -12.75
C ALA A 159 -1.18 18.11 -11.73
N ASN A 160 -2.32 17.68 -11.19
CA ASN A 160 -2.95 18.35 -10.07
C ASN A 160 -2.11 18.21 -8.81
N ILE A 161 -1.90 19.32 -8.12
CA ILE A 161 -1.14 19.33 -6.86
C ILE A 161 -1.88 20.14 -5.80
N ALA A 162 -2.14 19.50 -4.67
CA ALA A 162 -2.72 20.20 -3.53
C ALA A 162 -1.60 20.74 -2.66
N ALA A 163 -1.50 22.06 -2.58
CA ALA A 163 -0.51 22.72 -1.76
C ALA A 163 -0.97 22.75 -0.31
N ILE A 164 -0.40 21.88 0.52
CA ILE A 164 -0.80 21.75 1.92
C ILE A 164 -0.42 22.99 2.72
N THR A 165 -1.43 23.65 3.28
CA THR A 165 -1.24 24.90 4.03
C THR A 165 -1.57 24.76 5.51
N GLU A 166 -2.26 23.67 5.86
CA GLU A 166 -2.62 23.36 7.24
C GLU A 166 -2.80 21.85 7.41
N SER A 167 -2.26 21.30 8.49
CA SER A 167 -2.35 19.87 8.77
C SER A 167 -2.24 19.54 10.25
N ASP A 168 -2.78 18.40 10.64
CA ASP A 168 -2.66 17.88 11.99
C ASP A 168 -2.49 16.36 11.96
N LYS A 169 -1.43 15.87 12.59
CA LYS A 169 -1.09 14.44 12.63
C LYS A 169 -0.96 13.80 11.24
N PHE A 170 -0.54 14.61 10.28
CA PHE A 170 -0.33 14.15 8.91
C PHE A 170 1.15 13.88 8.66
N PHE A 171 1.98 14.91 8.83
CA PHE A 171 3.43 14.76 8.74
C PHE A 171 3.97 14.06 9.97
N ILE A 172 5.01 13.26 9.79
CA ILE A 172 5.64 12.52 10.89
C ILE A 172 6.91 13.24 11.36
N ASN A 173 7.00 13.48 12.66
CA ASN A 173 8.18 14.09 13.26
C ASN A 173 9.38 13.16 13.18
N GLY A 174 10.37 13.54 12.38
CA GLY A 174 11.58 12.73 12.19
C GLY A 174 11.64 12.00 10.85
N SER A 175 10.56 12.10 10.07
CA SER A 175 10.50 11.46 8.75
C SER A 175 11.20 12.31 7.70
N ASN A 176 11.50 11.69 6.56
CA ASN A 176 12.24 12.36 5.49
C ASN A 176 11.38 12.65 4.25
N TRP A 177 10.07 12.53 4.38
CA TRP A 177 9.15 12.89 3.29
C TRP A 177 8.29 14.10 3.64
N GLU A 178 7.83 14.81 2.61
CA GLU A 178 7.08 16.06 2.80
C GLU A 178 5.85 16.17 1.90
N GLY A 179 5.41 15.03 1.37
CA GLY A 179 4.24 14.96 0.50
C GLY A 179 3.72 13.54 0.34
N ILE A 180 2.56 13.41 -0.29
CA ILE A 180 1.92 12.13 -0.51
C ILE A 180 1.51 11.96 -1.98
N LEU A 181 1.84 10.80 -2.55
CA LEU A 181 1.45 10.47 -3.91
C LEU A 181 0.36 9.40 -3.88
N GLY A 182 -0.88 9.85 -4.07
CA GLY A 182 -2.02 8.94 -4.10
C GLY A 182 -2.10 8.25 -5.45
N LEU A 183 -1.92 6.93 -5.44
CA LEU A 183 -1.85 6.14 -6.67
C LEU A 183 -3.13 5.41 -7.03
N ALA A 184 -4.15 5.54 -6.18
CA ALA A 184 -5.46 4.93 -6.45
C ALA A 184 -6.28 5.78 -7.43
N TYR A 185 -7.57 5.44 -7.57
CA TYR A 185 -8.41 5.98 -8.63
C TYR A 185 -9.18 7.25 -8.25
N ALA A 186 -9.67 7.95 -9.28
CA ALA A 186 -10.38 9.23 -9.11
C ALA A 186 -11.62 9.17 -8.21
N GLU A 187 -12.26 8.01 -8.14
CA GLU A 187 -13.48 7.83 -7.34
C GLU A 187 -13.31 8.26 -5.88
N ILE A 188 -12.12 8.01 -5.30
CA ILE A 188 -11.83 8.39 -3.92
C ILE A 188 -10.94 9.63 -3.80
N ALA A 189 -10.75 10.34 -4.92
CA ALA A 189 -10.01 11.59 -4.92
C ALA A 189 -10.86 12.71 -4.31
N ARG A 190 -10.20 13.63 -3.62
CA ARG A 190 -10.89 14.72 -2.92
C ARG A 190 -10.53 16.07 -3.54
N PRO A 191 -11.51 17.00 -3.65
CA PRO A 191 -12.89 16.95 -3.13
C PRO A 191 -13.82 15.95 -3.83
N ASP A 192 -13.59 15.68 -5.11
CA ASP A 192 -14.42 14.75 -5.87
C ASP A 192 -13.65 14.10 -7.04
N ASP A 193 -14.36 13.29 -7.83
CA ASP A 193 -13.74 12.48 -8.89
C ASP A 193 -13.32 13.25 -10.14
N SER A 194 -13.60 14.56 -10.17
CA SER A 194 -13.20 15.41 -11.29
C SER A 194 -11.72 15.77 -11.22
N LEU A 195 -11.15 15.71 -10.02
CA LEU A 195 -9.72 15.98 -9.82
C LEU A 195 -8.90 14.75 -10.21
N GLU A 196 -8.28 14.83 -11.39
CA GLU A 196 -7.52 13.74 -11.98
C GLU A 196 -6.28 13.39 -11.18
N PRO A 197 -6.17 12.12 -10.71
CA PRO A 197 -5.00 11.65 -9.98
C PRO A 197 -3.74 11.67 -10.84
N PHE A 198 -2.58 11.68 -10.19
CA PHE A 198 -1.29 11.80 -10.89
C PHE A 198 -1.06 10.76 -11.98
N PHE A 199 -1.32 9.50 -11.67
CA PHE A 199 -1.04 8.40 -12.60
C PHE A 199 -1.95 8.42 -13.83
N ASP A 200 -3.19 8.86 -13.63
CA ASP A 200 -4.12 9.06 -14.74
C ASP A 200 -3.58 10.15 -15.69
N SER A 201 -3.05 11.22 -15.10
CA SER A 201 -2.43 12.31 -15.88
C SER A 201 -1.18 11.84 -16.60
N LEU A 202 -0.36 11.04 -15.92
CA LEU A 202 0.88 10.51 -16.49
C LEU A 202 0.62 9.64 -17.73
N VAL A 203 -0.37 8.75 -17.64
CA VAL A 203 -0.69 7.82 -18.71
C VAL A 203 -1.35 8.53 -19.91
N LYS A 204 -2.20 9.50 -19.63
CA LYS A 204 -2.88 10.28 -20.68
C LYS A 204 -1.92 11.16 -21.49
N GLN A 205 -0.94 11.74 -20.80
CA GLN A 205 -0.06 12.75 -21.41
C GLN A 205 1.20 12.17 -22.05
N THR A 206 1.52 10.92 -21.71
CA THR A 206 2.73 10.26 -22.24
C THR A 206 2.42 8.89 -22.84
N HIS A 207 3.46 8.15 -23.21
CA HIS A 207 3.33 6.79 -23.73
C HIS A 207 3.67 5.74 -22.68
N VAL A 208 3.73 6.17 -21.42
CA VAL A 208 3.97 5.28 -20.29
C VAL A 208 2.79 4.33 -20.11
N PRO A 209 3.04 3.00 -20.17
CA PRO A 209 1.98 2.00 -20.03
C PRO A 209 1.22 2.14 -18.71
N ASN A 210 -0.08 1.86 -18.75
CA ASN A 210 -0.96 2.00 -17.59
C ASN A 210 -0.74 0.88 -16.57
N LEU A 211 0.44 0.87 -15.96
CA LEU A 211 0.85 -0.15 -15.01
C LEU A 211 2.00 0.38 -14.15
N PHE A 212 2.00 0.03 -12.87
CA PHE A 212 3.16 0.22 -12.02
C PHE A 212 3.30 -0.96 -11.06
N SER A 213 4.52 -1.21 -10.61
CA SER A 213 4.77 -2.31 -9.68
C SER A 213 5.62 -1.86 -8.49
N LEU A 214 5.41 -2.51 -7.36
CA LEU A 214 6.10 -2.17 -6.12
C LEU A 214 6.78 -3.36 -5.48
N GLN A 215 8.07 -3.19 -5.15
CA GLN A 215 8.80 -4.14 -4.32
C GLN A 215 9.22 -3.41 -3.06
N LEU A 216 8.51 -3.67 -1.97
CA LEU A 216 8.83 -3.07 -0.68
C LEU A 216 9.67 -4.04 0.14
N CYS A 217 10.88 -3.62 0.50
CA CYS A 217 11.81 -4.48 1.24
C CYS A 217 11.88 -4.09 2.71
N GLY A 218 11.81 -5.08 3.59
CA GLY A 218 11.86 -4.85 5.03
C GLY A 218 13.27 -4.72 5.57
N SER A 231 17.05 2.98 6.54
CA SER A 231 16.38 1.96 7.33
C SER A 231 15.73 0.89 6.44
N VAL A 232 14.86 1.31 5.54
CA VAL A 232 14.23 0.41 4.56
C VAL A 232 14.37 0.93 3.13
N GLY A 233 14.28 0.02 2.16
CA GLY A 233 14.37 0.37 0.75
C GLY A 233 13.36 -0.38 -0.10
N GLY A 234 13.38 -0.10 -1.40
CA GLY A 234 12.47 -0.75 -2.33
C GLY A 234 12.49 -0.16 -3.72
N SER A 235 11.61 -0.67 -4.59
CA SER A 235 11.54 -0.24 -5.97
C SER A 235 10.11 0.04 -6.41
N MET A 236 9.92 1.18 -7.06
CA MET A 236 8.68 1.49 -7.77
C MET A 236 8.98 1.53 -9.26
N ILE A 237 8.59 0.47 -9.96
CA ILE A 237 8.79 0.40 -11.41
C ILE A 237 7.56 1.00 -12.10
N ILE A 238 7.75 2.16 -12.70
CA ILE A 238 6.67 2.90 -13.34
C ILE A 238 6.61 2.56 -14.83
N GLY A 239 5.47 2.01 -15.25
CA GLY A 239 5.24 1.67 -16.65
C GLY A 239 5.70 0.28 -17.07
N GLY A 240 6.00 -0.57 -16.10
CA GLY A 240 6.46 -1.91 -16.40
C GLY A 240 6.76 -2.84 -15.24
N ILE A 241 7.34 -3.98 -15.57
CA ILE A 241 7.70 -5.00 -14.60
C ILE A 241 9.18 -5.34 -14.75
N ASP A 242 9.89 -5.39 -13.63
CA ASP A 242 11.28 -5.82 -13.60
C ASP A 242 11.34 -7.24 -13.05
N HIS A 243 11.61 -8.19 -13.95
CA HIS A 243 11.52 -9.62 -13.63
C HIS A 243 12.60 -10.13 -12.66
N SER A 244 13.66 -9.34 -12.48
CA SER A 244 14.72 -9.69 -11.53
C SER A 244 14.30 -9.47 -10.08
N LEU A 245 13.19 -8.78 -9.88
CA LEU A 245 12.72 -8.43 -8.53
C LEU A 245 11.85 -9.51 -7.88
N TYR A 246 11.52 -10.56 -8.64
CA TYR A 246 10.71 -11.66 -8.12
C TYR A 246 11.15 -13.04 -8.58
N THR A 247 10.78 -14.06 -7.81
CA THR A 247 11.01 -15.46 -8.18
C THR A 247 9.68 -16.15 -8.44
N GLY A 248 9.72 -17.16 -9.30
CA GLY A 248 8.52 -17.91 -9.69
C GLY A 248 7.64 -17.12 -10.65
N SER A 249 6.34 -17.40 -10.63
CA SER A 249 5.38 -16.75 -11.52
C SER A 249 4.53 -15.69 -10.80
N LEU A 250 4.12 -14.69 -11.55
CA LEU A 250 3.12 -13.73 -11.08
C LEU A 250 1.74 -14.38 -11.15
N TRP A 251 0.96 -14.18 -10.10
CA TRP A 251 -0.43 -14.63 -10.04
C TRP A 251 -1.35 -13.43 -9.87
N TYR A 252 -2.36 -13.33 -10.71
CA TYR A 252 -3.21 -12.14 -10.77
C TYR A 252 -4.58 -12.32 -10.12
N THR A 253 -4.99 -11.30 -9.38
CA THR A 253 -6.33 -11.21 -8.80
C THR A 253 -7.04 -9.99 -9.41
N PRO A 254 -8.34 -10.14 -9.75
CA PRO A 254 -9.05 -9.01 -10.38
C PRO A 254 -9.27 -7.83 -9.43
N ILE A 255 -9.09 -6.62 -9.96
CA ILE A 255 -9.51 -5.41 -9.25
C ILE A 255 -11.03 -5.32 -9.37
N ARG A 256 -11.72 -5.52 -8.24
CA ARG A 256 -13.18 -5.60 -8.20
C ARG A 256 -13.84 -4.29 -8.64
N ARG A 257 -13.31 -3.17 -8.14
CA ARG A 257 -13.83 -1.85 -8.44
C ARG A 257 -12.69 -0.85 -8.44
N GLU A 258 -12.73 0.07 -9.39
CA GLU A 258 -11.69 1.09 -9.54
C GLU A 258 -11.94 2.32 -8.66
N TRP A 259 -11.69 2.16 -7.36
CA TRP A 259 -11.72 3.27 -6.41
C TRP A 259 -10.45 3.19 -5.53
N TYR A 260 -10.48 2.31 -4.54
CA TYR A 260 -9.26 1.78 -3.95
C TYR A 260 -8.80 0.65 -4.87
N TYR A 261 -7.67 0.03 -4.57
CA TYR A 261 -7.30 -1.21 -5.23
C TYR A 261 -7.97 -2.36 -4.50
N GLU A 262 -9.26 -2.53 -4.78
CA GLU A 262 -10.11 -3.48 -4.08
C GLU A 262 -9.96 -4.89 -4.65
N VAL A 263 -9.75 -5.85 -3.76
CA VAL A 263 -9.61 -7.26 -4.12
C VAL A 263 -10.57 -8.12 -3.30
N ILE A 264 -10.68 -9.41 -3.64
CA ILE A 264 -11.53 -10.33 -2.91
C ILE A 264 -10.74 -11.51 -2.34
N ILE A 265 -10.77 -11.62 -1.01
CA ILE A 265 -10.18 -12.76 -0.31
C ILE A 265 -11.26 -13.83 -0.14
N VAL A 266 -10.94 -15.05 -0.56
CA VAL A 266 -11.92 -16.13 -0.61
C VAL A 266 -11.71 -17.21 0.46
N ARG A 267 -10.51 -17.25 1.04
CA ARG A 267 -10.15 -18.25 2.04
C ARG A 267 -8.96 -17.76 2.86
N VAL A 268 -9.02 -17.95 4.18
CA VAL A 268 -7.91 -17.62 5.06
C VAL A 268 -7.45 -18.87 5.82
N GLU A 269 -6.14 -19.12 5.80
CA GLU A 269 -5.57 -20.27 6.50
C GLU A 269 -4.46 -19.85 7.46
N ILE A 270 -4.51 -20.39 8.67
CA ILE A 270 -3.45 -20.22 9.66
C ILE A 270 -2.74 -21.56 9.84
N ASN A 271 -1.48 -21.62 9.44
CA ASN A 271 -0.69 -22.86 9.40
C ASN A 271 -1.32 -23.99 8.58
N GLY A 272 -2.05 -23.60 7.53
CA GLY A 272 -2.75 -24.56 6.66
C GLY A 272 -4.17 -24.87 7.10
N GLN A 273 -4.50 -24.45 8.33
CA GLN A 273 -5.83 -24.69 8.88
C GLN A 273 -6.80 -23.56 8.53
N ASP A 274 -7.88 -23.92 7.84
CA ASP A 274 -8.91 -22.97 7.43
C ASP A 274 -9.65 -22.40 8.64
N LEU A 275 -9.94 -21.11 8.59
CA LEU A 275 -10.66 -20.43 9.67
C LEU A 275 -12.13 -20.83 9.75
N LYS A 276 -12.64 -21.44 8.67
CA LYS A 276 -14.02 -21.92 8.58
C LYS A 276 -15.05 -20.80 8.80
N MET A 277 -14.79 -19.66 8.15
CA MET A 277 -15.69 -18.51 8.23
C MET A 277 -16.37 -18.26 6.88
N ASP A 278 -17.53 -17.62 6.93
CA ASP A 278 -18.18 -17.09 5.73
C ASP A 278 -17.19 -16.13 5.08
N CYS A 279 -16.91 -16.35 3.80
CA CYS A 279 -15.88 -15.58 3.10
C CYS A 279 -16.29 -14.13 2.83
N LYS A 280 -17.58 -13.82 3.01
CA LYS A 280 -18.10 -12.47 2.91
C LYS A 280 -17.57 -11.61 4.07
N GLU A 281 -17.28 -12.25 5.19
CA GLU A 281 -16.71 -11.58 6.36
C GLU A 281 -15.29 -11.06 6.11
N TYR A 282 -14.52 -11.83 5.34
CA TYR A 282 -13.14 -11.46 4.98
C TYR A 282 -13.08 -10.16 4.18
N ASN A 283 -14.18 -9.81 3.53
CA ASN A 283 -14.25 -8.63 2.67
C ASN A 283 -15.34 -7.65 3.11
N TYR A 284 -15.54 -7.54 4.43
CA TYR A 284 -16.54 -6.64 5.00
C TYR A 284 -15.87 -5.42 5.63
N ASP A 285 -16.09 -4.24 5.05
CA ASP A 285 -16.93 -4.07 3.86
C ASP A 285 -16.13 -3.99 2.56
N LYS A 286 -14.81 -4.17 2.67
CA LYS A 286 -13.92 -4.25 1.49
C LYS A 286 -12.56 -4.84 1.86
N SER A 287 -11.81 -5.27 0.84
CA SER A 287 -10.42 -5.68 1.01
C SER A 287 -9.57 -4.91 0.01
N ILE A 288 -8.53 -4.24 0.51
CA ILE A 288 -7.71 -3.36 -0.34
C ILE A 288 -6.21 -3.62 -0.22
N VAL A 289 -5.46 -3.24 -1.25
CA VAL A 289 -3.99 -3.29 -1.24
C VAL A 289 -3.48 -1.87 -1.04
N ASP A 290 -2.80 -1.63 0.09
CA ASP A 290 -2.46 -0.28 0.53
C ASP A 290 -1.02 -0.17 1.03
N SER A 291 -0.17 0.48 0.24
CA SER A 291 1.23 0.69 0.61
C SER A 291 1.40 1.76 1.69
N GLY A 292 0.34 2.54 1.94
CA GLY A 292 0.36 3.60 2.94
C GLY A 292 -0.14 3.15 4.31
N THR A 293 -0.28 1.84 4.50
CA THR A 293 -0.62 1.26 5.79
C THR A 293 0.44 0.23 6.17
N THR A 294 0.91 0.28 7.40
CA THR A 294 1.94 -0.63 7.89
C THR A 294 1.37 -2.02 8.14
N ASN A 295 0.26 -2.09 8.88
CA ASN A 295 -0.31 -3.34 9.36
C ASN A 295 -1.18 -4.10 8.36
N LEU A 296 -1.40 -5.37 8.65
CA LEU A 296 -2.48 -6.13 8.04
C LEU A 296 -3.73 -5.89 8.89
N ARG A 297 -4.66 -5.12 8.36
CA ARG A 297 -5.90 -4.82 9.07
C ARG A 297 -6.98 -5.81 8.65
N LEU A 298 -7.66 -6.39 9.64
CA LEU A 298 -8.72 -7.35 9.40
C LEU A 298 -10.01 -6.93 10.08
N PRO A 299 -11.18 -7.28 9.48
CA PRO A 299 -12.46 -7.03 10.16
C PRO A 299 -12.47 -7.73 11.52
N LYS A 300 -13.06 -7.08 12.53
CA LYS A 300 -12.99 -7.57 13.91
C LYS A 300 -13.44 -9.02 14.10
N LYS A 301 -14.53 -9.40 13.44
CA LYS A 301 -15.04 -10.78 13.50
C LYS A 301 -14.04 -11.76 12.92
N VAL A 302 -13.37 -11.36 11.84
CA VAL A 302 -12.29 -12.14 11.23
C VAL A 302 -11.03 -12.08 12.10
N PHE A 303 -10.74 -10.90 12.64
CA PHE A 303 -9.54 -10.68 13.47
C PHE A 303 -9.54 -11.54 14.73
N GLU A 304 -10.66 -11.58 15.45
CA GLU A 304 -10.76 -12.36 16.68
C GLU A 304 -10.69 -13.87 16.43
N ALA A 305 -11.20 -14.31 15.28
CA ALA A 305 -11.11 -15.70 14.87
C ALA A 305 -9.69 -16.04 14.41
N ALA A 306 -9.03 -15.08 13.76
CA ALA A 306 -7.65 -15.24 13.30
C ALA A 306 -6.68 -15.25 14.48
N VAL A 307 -6.89 -14.34 15.43
CA VAL A 307 -6.04 -14.24 16.63
C VAL A 307 -6.20 -15.47 17.52
N LYS A 308 -7.42 -15.98 17.64
CA LYS A 308 -7.70 -17.18 18.42
C LYS A 308 -6.98 -18.41 17.86
N SER A 309 -6.81 -18.43 16.53
CA SER A 309 -6.07 -19.49 15.86
C SER A 309 -4.56 -19.33 16.01
N ILE A 310 -4.09 -18.08 16.02
CA ILE A 310 -2.68 -17.77 16.25
C ILE A 310 -2.30 -18.06 17.70
N LYS A 311 -3.19 -17.74 18.63
CA LYS A 311 -3.02 -18.07 20.05
C LYS A 311 -2.85 -19.57 20.29
N ALA A 312 -3.69 -20.36 19.61
CA ALA A 312 -3.67 -21.81 19.73
C ALA A 312 -2.42 -22.43 19.10
N ALA A 313 -1.98 -21.85 17.98
CA ALA A 313 -0.78 -22.32 17.28
C ALA A 313 0.50 -21.92 18.01
N SER A 314 0.44 -20.82 18.76
CA SER A 314 1.57 -20.37 19.57
C SER A 314 1.31 -20.58 21.06
N SER A 315 0.74 -21.73 21.39
CA SER A 315 0.39 -22.09 22.77
C SER A 315 1.60 -22.48 23.62
N THR A 316 2.77 -22.53 22.99
CA THR A 316 4.03 -22.84 23.69
C THR A 316 4.38 -21.75 24.71
N GLU A 317 4.17 -20.49 24.32
CA GLU A 317 4.41 -19.35 25.19
C GLU A 317 3.12 -18.55 25.42
N LYS A 318 2.99 -17.98 26.63
CA LYS A 318 1.83 -17.17 26.98
C LYS A 318 2.09 -15.68 26.72
N PHE A 319 1.08 -15.00 26.20
CA PHE A 319 1.17 -13.58 25.89
C PHE A 319 -0.02 -12.81 26.45
N PRO A 320 0.22 -11.58 26.96
CA PRO A 320 -0.86 -10.72 27.48
C PRO A 320 -1.87 -10.33 26.39
N ASP A 321 -3.12 -10.11 26.81
CA ASP A 321 -4.20 -9.76 25.89
C ASP A 321 -3.98 -8.41 25.20
N GLY A 322 -3.25 -7.52 25.88
CA GLY A 322 -2.91 -6.21 25.33
C GLY A 322 -2.00 -6.28 24.11
N PHE A 323 -1.11 -7.28 24.10
CA PHE A 323 -0.19 -7.51 22.99
C PHE A 323 -0.93 -7.79 21.68
N TRP A 324 -1.95 -8.67 21.75
CA TRP A 324 -2.74 -9.06 20.58
C TRP A 324 -3.60 -7.90 20.06
N LEU A 325 -3.94 -6.97 20.95
CA LEU A 325 -4.76 -5.81 20.60
C LEU A 325 -3.91 -4.60 20.20
N GLY A 326 -2.59 -4.75 20.26
CA GLY A 326 -1.66 -3.67 19.92
C GLY A 326 -1.61 -2.57 20.96
N GLU A 327 -1.84 -2.95 22.21
CA GLU A 327 -1.85 -2.02 23.34
C GLU A 327 -0.55 -2.12 24.14
N GLN A 328 0.22 -3.17 23.88
CA GLN A 328 1.51 -3.40 24.54
C GLN A 328 2.48 -4.13 23.62
N LEU A 329 3.76 -4.01 23.91
CA LEU A 329 4.81 -4.69 23.16
C LEU A 329 5.29 -5.95 23.88
N VAL A 330 5.91 -6.86 23.13
CA VAL A 330 6.42 -8.11 23.68
C VAL A 330 7.93 -8.25 23.47
N CYS A 331 8.60 -8.82 24.46
CA CYS A 331 10.04 -9.05 24.41
C CYS A 331 10.40 -10.49 24.75
N ASN A 340 9.57 -20.19 14.95
CA ASN A 340 8.85 -21.45 14.76
C ASN A 340 7.55 -21.53 15.55
N ILE A 341 7.51 -20.83 16.68
CA ILE A 341 6.33 -20.80 17.56
C ILE A 341 5.14 -20.09 16.92
N PHE A 342 5.42 -19.12 16.06
CA PHE A 342 4.38 -18.35 15.39
C PHE A 342 4.01 -18.97 14.03
N PRO A 343 2.70 -19.03 13.73
CA PRO A 343 2.18 -19.66 12.52
C PRO A 343 2.28 -18.78 11.27
N VAL A 344 2.21 -19.40 10.09
CA VAL A 344 2.12 -18.68 8.83
C VAL A 344 0.66 -18.28 8.56
N ILE A 345 0.48 -17.20 7.81
CA ILE A 345 -0.86 -16.76 7.41
C ILE A 345 -0.98 -16.81 5.89
N SER A 346 -1.96 -17.57 5.42
CA SER A 346 -2.24 -17.71 3.99
C SER A 346 -3.55 -17.02 3.63
N LEU A 347 -3.50 -16.19 2.60
CA LEU A 347 -4.69 -15.55 2.06
C LEU A 347 -4.94 -16.04 0.64
N TYR A 348 -6.09 -16.66 0.43
CA TYR A 348 -6.50 -17.08 -0.90
C TYR A 348 -7.24 -15.93 -1.57
N LEU A 349 -6.75 -15.54 -2.75
CA LEU A 349 -7.35 -14.46 -3.50
C LEU A 349 -8.06 -14.99 -4.73
N MET A 350 -9.13 -14.30 -5.13
CA MET A 350 -9.88 -14.64 -6.35
C MET A 350 -8.94 -14.65 -7.55
N GLY A 351 -9.06 -15.68 -8.39
CA GLY A 351 -8.21 -15.81 -9.57
C GLY A 351 -8.78 -15.12 -10.79
N GLU A 352 -8.13 -15.32 -11.93
CA GLU A 352 -8.57 -14.72 -13.20
C GLU A 352 -9.69 -15.52 -13.84
N VAL A 353 -9.78 -16.81 -13.49
CA VAL A 353 -10.74 -17.74 -14.10
C VAL A 353 -11.83 -18.14 -13.10
N THR A 354 -13.03 -18.44 -13.62
CA THR A 354 -14.14 -18.96 -12.82
C THR A 354 -13.70 -20.17 -12.00
N ASN A 355 -14.05 -20.14 -10.71
CA ASN A 355 -13.73 -21.21 -9.76
C ASN A 355 -12.24 -21.46 -9.51
N GLN A 356 -11.40 -20.52 -9.96
CA GLN A 356 -9.94 -20.62 -9.79
C GLN A 356 -9.42 -19.57 -8.82
N SER A 357 -8.59 -19.99 -7.87
CA SER A 357 -7.95 -19.08 -6.94
C SER A 357 -6.46 -19.37 -6.81
N PHE A 358 -5.77 -18.50 -6.08
CA PHE A 358 -4.38 -18.74 -5.68
C PHE A 358 -4.19 -18.22 -4.26
N ARG A 359 -3.11 -18.66 -3.60
CA ARG A 359 -2.85 -18.24 -2.24
C ARG A 359 -1.51 -17.51 -2.11
N ILE A 360 -1.47 -16.54 -1.20
CA ILE A 360 -0.22 -15.88 -0.81
C ILE A 360 0.03 -16.15 0.68
N THR A 361 1.27 -16.52 1.01
CA THR A 361 1.62 -16.90 2.37
C THR A 361 2.68 -15.97 2.97
N ILE A 362 2.39 -15.43 4.15
CA ILE A 362 3.34 -14.59 4.88
C ILE A 362 3.86 -15.28 6.15
N LEU A 363 4.94 -14.74 6.71
CA LEU A 363 5.61 -15.33 7.86
C LEU A 363 5.50 -14.42 9.09
N PRO A 364 5.90 -14.93 10.28
CA PRO A 364 6.00 -14.08 11.48
C PRO A 364 6.88 -12.86 11.25
N GLN A 365 7.94 -13.01 10.45
CA GLN A 365 8.85 -11.92 10.11
C GLN A 365 8.13 -10.73 9.47
N GLN A 366 6.93 -10.98 8.95
CA GLN A 366 6.12 -9.92 8.34
C GLN A 366 5.14 -9.26 9.32
N TYR A 367 4.42 -10.07 10.10
CA TYR A 367 3.40 -9.52 11.01
C TYR A 367 3.87 -9.23 12.45
N LEU A 368 5.08 -9.68 12.77
CA LEU A 368 5.73 -9.32 14.03
C LEU A 368 6.89 -8.37 13.74
N ARG A 369 6.64 -7.07 13.89
CA ARG A 369 7.58 -6.04 13.46
C ARG A 369 8.39 -5.48 14.62
N PRO A 370 9.72 -5.33 14.42
CA PRO A 370 10.61 -4.75 15.43
C PRO A 370 10.28 -3.28 15.72
N VAL A 371 10.46 -2.88 16.97
CA VAL A 371 10.25 -1.49 17.38
C VAL A 371 11.46 -0.95 18.13
N ASP A 380 14.91 -7.43 22.29
CA ASP A 380 14.18 -6.97 21.11
C ASP A 380 12.69 -6.83 21.41
N CYS A 381 12.14 -5.67 21.09
CA CYS A 381 10.72 -5.39 21.30
C CYS A 381 9.96 -5.48 19.97
N TYR A 382 8.89 -6.27 19.95
CA TYR A 382 8.08 -6.47 18.76
C TYR A 382 6.63 -6.03 18.97
N LYS A 383 6.05 -5.46 17.91
CA LYS A 383 4.64 -5.08 17.92
C LYS A 383 3.84 -5.98 17.00
N PHE A 384 2.74 -6.52 17.53
CA PHE A 384 1.83 -7.35 16.74
C PHE A 384 1.14 -6.49 15.69
N ALA A 385 1.57 -6.67 14.44
CA ALA A 385 1.15 -5.81 13.33
C ALA A 385 -0.09 -6.31 12.60
N ILE A 386 -0.99 -6.94 13.35
CA ILE A 386 -2.32 -7.29 12.86
C ILE A 386 -3.34 -6.65 13.79
N SER A 387 -4.22 -5.82 13.23
CA SER A 387 -5.18 -5.08 14.03
C SER A 387 -6.60 -5.20 13.47
N GLN A 388 -7.59 -4.97 14.33
CA GLN A 388 -8.99 -4.97 13.92
C GLN A 388 -9.31 -3.72 13.10
N SER A 389 -10.33 -3.82 12.25
CA SER A 389 -10.70 -2.74 11.35
C SER A 389 -12.21 -2.58 11.22
N SER A 390 -12.62 -1.35 10.91
CA SER A 390 -14.02 -1.01 10.69
C SER A 390 -14.27 -0.70 9.21
N THR A 391 -13.18 -0.51 8.48
CA THR A 391 -13.22 -0.16 7.07
C THR A 391 -12.96 -1.38 6.16
N GLY A 392 -12.72 -2.53 6.77
CA GLY A 392 -12.48 -3.77 6.05
C GLY A 392 -11.03 -4.24 6.12
N THR A 393 -10.69 -5.21 5.26
CA THR A 393 -9.33 -5.74 5.20
C THR A 393 -8.39 -4.76 4.49
N VAL A 394 -7.22 -4.53 5.10
CA VAL A 394 -6.19 -3.72 4.48
C VAL A 394 -4.90 -4.52 4.41
N MET A 395 -4.51 -4.88 3.19
CA MET A 395 -3.25 -5.56 2.95
C MET A 395 -2.14 -4.51 2.86
N GLY A 396 -1.59 -4.19 4.03
CA GLY A 396 -0.58 -3.14 4.14
C GLY A 396 0.83 -3.64 3.89
N ALA A 397 1.80 -2.95 4.50
CA ALA A 397 3.22 -3.28 4.38
C ALA A 397 3.56 -4.68 4.89
N VAL A 398 2.76 -5.19 5.82
CA VAL A 398 2.92 -6.55 6.34
C VAL A 398 2.82 -7.58 5.21
N ILE A 399 1.81 -7.44 4.36
CA ILE A 399 1.63 -8.31 3.20
C ILE A 399 2.63 -7.98 2.09
N MET A 400 2.68 -6.70 1.70
CA MET A 400 3.43 -6.26 0.52
C MET A 400 4.94 -6.50 0.58
N GLU A 401 5.51 -6.46 1.78
CA GLU A 401 6.96 -6.69 1.94
C GLU A 401 7.40 -8.12 1.63
N GLY A 402 6.43 -9.05 1.64
CA GLY A 402 6.70 -10.43 1.26
C GLY A 402 6.66 -10.67 -0.24
N PHE A 403 6.10 -9.70 -0.98
CA PHE A 403 5.80 -9.90 -2.39
C PHE A 403 6.18 -8.75 -3.32
N TYR A 404 6.38 -9.10 -4.58
CA TYR A 404 6.45 -8.14 -5.67
C TYR A 404 5.02 -7.96 -6.18
N VAL A 405 4.50 -6.75 -6.09
CA VAL A 405 3.10 -6.48 -6.35
C VAL A 405 2.92 -5.61 -7.60
N VAL A 406 2.21 -6.15 -8.60
CA VAL A 406 2.00 -5.46 -9.87
C VAL A 406 0.59 -4.88 -9.94
N PHE A 407 0.51 -3.57 -10.05
CA PHE A 407 -0.77 -2.88 -10.18
C PHE A 407 -1.06 -2.66 -11.66
N ASP A 408 -1.61 -3.70 -12.27
CA ASP A 408 -1.89 -3.74 -13.71
C ASP A 408 -3.23 -3.07 -13.98
N ARG A 409 -3.20 -1.73 -14.01
CA ARG A 409 -4.40 -0.92 -14.20
C ARG A 409 -5.06 -1.15 -15.56
N ALA A 410 -4.23 -1.37 -16.59
CA ALA A 410 -4.71 -1.62 -17.95
C ALA A 410 -5.63 -2.83 -18.05
N ARG A 411 -5.33 -3.89 -17.29
CA ARG A 411 -6.11 -5.12 -17.32
C ARG A 411 -6.95 -5.34 -16.06
N LYS A 412 -7.09 -4.28 -15.24
CA LYS A 412 -7.88 -4.31 -14.01
C LYS A 412 -7.56 -5.53 -13.13
N ARG A 413 -6.28 -5.69 -12.84
CA ARG A 413 -5.82 -6.83 -12.05
C ARG A 413 -4.57 -6.49 -11.24
N ILE A 414 -4.36 -7.22 -10.14
CA ILE A 414 -3.17 -7.05 -9.31
C ILE A 414 -2.40 -8.36 -9.25
N GLY A 415 -1.12 -8.32 -9.62
CA GLY A 415 -0.27 -9.50 -9.62
C GLY A 415 0.58 -9.64 -8.38
N PHE A 416 0.72 -10.87 -7.91
CA PHE A 416 1.56 -11.18 -6.76
C PHE A 416 2.61 -12.22 -7.13
N ALA A 417 3.83 -11.99 -6.69
CA ALA A 417 4.93 -12.94 -6.85
C ALA A 417 5.88 -12.83 -5.66
N VAL A 418 6.53 -13.94 -5.32
CA VAL A 418 7.48 -13.97 -4.20
C VAL A 418 8.58 -12.94 -4.42
N SER A 419 8.73 -12.03 -3.46
CA SER A 419 9.74 -10.98 -3.52
C SER A 419 11.15 -11.54 -3.35
N ALA A 420 12.07 -11.05 -4.18
CA ALA A 420 13.47 -11.46 -4.12
C ALA A 420 14.22 -10.83 -2.94
N CYS A 421 13.57 -9.91 -2.23
CA CYS A 421 14.20 -9.20 -1.11
C CYS A 421 13.51 -9.44 0.24
N HIS A 422 12.49 -10.29 0.27
CA HIS A 422 11.69 -10.50 1.49
C HIS A 422 12.47 -11.19 2.61
N VAL A 423 12.16 -10.82 3.85
CA VAL A 423 12.84 -11.36 5.03
C VAL A 423 12.26 -12.71 5.42
N HIS A 424 13.12 -13.72 5.47
CA HIS A 424 12.73 -15.09 5.84
C HIS A 424 13.87 -15.82 6.56
N ASP A 425 13.59 -17.04 7.01
CA ASP A 425 14.61 -17.91 7.61
C ASP A 425 14.88 -19.15 6.73
N GLU A 426 15.69 -20.08 7.24
CA GLU A 426 16.07 -21.28 6.50
C GLU A 426 14.96 -22.34 6.45
N PHE A 427 13.99 -22.23 7.34
CA PHE A 427 12.90 -23.21 7.45
C PHE A 427 11.66 -22.85 6.63
N ARG A 428 11.30 -21.57 6.64
CA ARG A 428 10.08 -21.10 5.98
C ARG A 428 10.32 -19.86 5.11
N THR A 429 9.66 -19.82 3.96
CA THR A 429 9.71 -18.68 3.05
C THR A 429 8.30 -18.23 2.65
N ALA A 430 8.17 -16.97 2.24
CA ALA A 430 6.92 -16.47 1.69
C ALA A 430 6.66 -17.15 0.33
N ALA A 431 5.38 -17.38 0.03
CA ALA A 431 5.01 -18.15 -1.15
C ALA A 431 3.79 -17.61 -1.88
N VAL A 432 3.76 -17.81 -3.21
CA VAL A 432 2.58 -17.59 -4.02
C VAL A 432 2.32 -18.88 -4.80
N GLU A 433 1.19 -19.53 -4.51
CA GLU A 433 0.91 -20.86 -5.03
C GLU A 433 -0.47 -20.97 -5.68
N GLY A 434 -0.55 -21.79 -6.72
CA GLY A 434 -1.81 -22.05 -7.42
C GLY A 434 -1.63 -23.02 -8.58
N PRO A 435 -2.73 -23.34 -9.29
CA PRO A 435 -4.08 -22.86 -9.02
C PRO A 435 -4.84 -23.72 -8.01
N PHE A 436 -5.84 -23.14 -7.37
CA PHE A 436 -6.73 -23.88 -6.48
C PHE A 436 -8.17 -23.77 -6.96
N VAL A 437 -8.98 -24.79 -6.63
CA VAL A 437 -10.41 -24.75 -6.93
C VAL A 437 -11.17 -24.18 -5.74
N THR A 438 -11.82 -23.04 -5.97
CA THR A 438 -12.64 -22.38 -4.97
C THR A 438 -13.97 -21.98 -5.59
N LEU A 439 -15.05 -22.52 -5.03
CA LEU A 439 -16.40 -22.26 -5.54
C LEU A 439 -17.05 -21.07 -4.83
N ASP A 440 -18.02 -20.45 -5.50
CA ASP A 440 -18.81 -19.33 -4.97
C ASP A 440 -17.94 -18.14 -4.52
N MET A 441 -16.95 -17.79 -5.34
CA MET A 441 -16.02 -16.70 -5.03
C MET A 441 -16.68 -15.33 -5.13
N GLU A 442 -17.73 -15.23 -5.95
CA GLU A 442 -18.48 -13.98 -6.11
C GLU A 442 -19.33 -13.66 -4.89
N ASP A 443 -19.63 -14.67 -4.09
CA ASP A 443 -20.38 -14.50 -2.84
C ASP A 443 -19.53 -13.93 -1.71
N CYS A 444 -18.21 -13.91 -1.91
CA CYS A 444 -17.28 -13.39 -0.92
C CYS A 444 -17.22 -11.87 -0.89
N GLY A 445 -17.65 -11.24 -1.99
CA GLY A 445 -17.67 -9.79 -2.10
C GLY A 445 -18.90 -9.17 -1.48
N TYR A 446 -18.69 -8.09 -0.72
CA TYR A 446 -19.77 -7.38 -0.05
C TYR A 446 -20.45 -6.37 -0.98
N ASN A 447 -21.78 -6.34 -0.94
CA ASN A 447 -22.57 -5.41 -1.74
C ASN A 447 -23.39 -4.45 -0.89
C1 GOL B . 0.90 -8.00 -19.57
O1 GOL B . -0.41 -7.55 -19.40
C2 GOL B . 1.78 -6.87 -20.11
O2 GOL B . 1.15 -6.23 -21.19
C3 GOL B . 2.08 -5.86 -19.01
O3 GOL B . 3.15 -6.34 -18.22
I IOD C . 1.05 22.48 7.34
N14 5QU D . -3.16 4.68 2.94
C18 5QU D . 0.81 9.09 6.69
C17 5QU D . 0.59 7.75 6.33
C16 5QU D . -0.55 7.43 5.59
C15 5QU D . -1.47 8.40 5.19
C19 5QU D . -0.10 10.06 6.30
C20 5QU D . -1.25 9.73 5.56
C23 5QU D . 1.55 6.67 6.73
C24 5QU D . 1.90 6.50 8.07
C12 5QU D . -3.26 5.67 3.84
C1 5QU D . -7.24 6.66 5.40
C2 5QU D . -6.62 6.83 6.76
C3 5QU D . -5.28 6.92 7.13
C4 5QU D . -5.25 7.07 8.52
O5 5QU D . -6.47 7.07 8.97
N6 5QU D . -7.35 6.93 7.89
C7 5QU D . -4.01 7.20 9.38
C8 5QU D . -4.03 6.87 6.29
C9 5QU D . -3.96 8.01 5.25
C10 5QU D . -2.68 7.95 4.39
N11 5QU D . -2.45 6.67 3.69
S13 5QU D . -3.82 5.29 5.46
F21 5QU D . -2.05 10.74 5.24
F22 5QU D . 1.89 9.44 7.40
N25 5QU D . 2.76 5.51 8.40
C26 5QU D . 3.27 4.68 7.46
N27 5QU D . 2.93 4.83 6.15
C28 5QU D . 2.08 5.81 5.78
#